data_8P9E
#
_entry.id   8P9E
#
_cell.length_a   84.704
_cell.length_b   60.728
_cell.length_c   53.866
_cell.angle_alpha   90.00
_cell.angle_beta   100.78
_cell.angle_gamma   90.00
#
_symmetry.space_group_name_H-M   'C 1 2 1'
#
loop_
_entity.id
_entity.type
_entity.pdbx_description
1 polymer 'Isoform 2 of Tumor protein 63'
2 polymer 'Tumor protein p73'
3 polymer 'Darpin 1810 F11'
4 non-polymer GLYCEROL
5 water water
#
loop_
_entity_poly.entity_id
_entity_poly.type
_entity_poly.pdbx_seq_one_letter_code
_entity_poly.pdbx_strand_id
1 'polypeptide(L)' GSDDELLYLPVRGRETYEMLLKIKESLELMQYLPQHTIETYRQQQQQQHQHLLQKQTSIQS A
2 'polypeptide(L)' GSDEDTYYLQVRGRENFEILMKLKESLELMELVPQPLVDSYRQQQQLLQR B
3 'polypeptide(L)'
;GSDLGKKLLEAAQTGQDDEVRILMANGADVNAMDMVGMTPLHLAAVNGHLEIVEVLLKTSADVNAQDYQGETPLHLAAIW
GHLEIVEVLLKAGADVNANDLVGHTPLHLAAWSGHLEIVEVLLKHGADVNAQDKFGKTAFDISIDNGNEDIAEVLQKAA
;
C
#
loop_
_chem_comp.id
_chem_comp.type
_chem_comp.name
_chem_comp.formula
GOL non-polymer GLYCEROL 'C3 H8 O3'
#
# COMPACT_ATOMS: atom_id res chain seq x y z
N SER A 2 -17.49 -6.68 -0.01
CA SER A 2 -17.29 -8.16 0.18
C SER A 2 -15.78 -8.49 0.28
N ASP A 3 -15.42 -9.32 1.27
CA ASP A 3 -14.01 -9.69 1.64
C ASP A 3 -13.58 -10.94 0.86
N ASP A 4 -12.25 -11.11 0.64
CA ASP A 4 -11.58 -12.39 0.27
C ASP A 4 -11.93 -13.46 1.31
N GLU A 5 -12.03 -14.74 0.92
CA GLU A 5 -12.25 -15.86 1.87
C GLU A 5 -11.09 -15.91 2.87
N LEU A 6 -11.39 -16.09 4.16
CA LEU A 6 -10.38 -16.24 5.23
C LEU A 6 -10.20 -17.71 5.53
N LEU A 7 -9.13 -18.31 5.02
CA LEU A 7 -8.73 -19.71 5.27
C LEU A 7 -7.73 -19.73 6.43
N TYR A 8 -7.51 -20.88 7.08
CA TYR A 8 -6.47 -21.06 8.11
C TYR A 8 -5.53 -22.21 7.74
N LEU A 9 -4.24 -22.01 7.98
CA LEU A 9 -3.18 -23.01 7.65
C LEU A 9 -2.57 -23.51 8.95
N PRO A 10 -2.80 -24.77 9.31
CA PRO A 10 -2.21 -25.34 10.50
C PRO A 10 -0.73 -25.64 10.18
N VAL A 11 0.18 -25.17 11.03
CA VAL A 11 1.64 -25.33 10.85
C VAL A 11 2.28 -25.92 12.11
N ARG A 12 2.86 -27.11 11.97
CA ARG A 12 3.68 -27.73 13.03
C ARG A 12 5.00 -26.95 13.12
N GLY A 13 5.14 -26.10 14.15
CA GLY A 13 6.44 -25.60 14.61
C GLY A 13 6.62 -24.12 14.37
N ARG A 14 7.34 -23.45 15.27
CA ARG A 14 7.73 -22.01 15.17
C ARG A 14 8.37 -21.77 13.80
N GLU A 15 9.30 -22.62 13.39
CA GLU A 15 10.27 -22.26 12.34
C GLU A 15 9.57 -22.22 10.98
N THR A 16 8.75 -23.23 10.70
CA THR A 16 7.93 -23.31 9.47
C THR A 16 6.96 -22.14 9.46
N TYR A 17 6.29 -21.90 10.58
CA TYR A 17 5.34 -20.77 10.78
C TYR A 17 6.00 -19.45 10.38
N GLU A 18 7.16 -19.15 10.94
CA GLU A 18 7.85 -17.86 10.76
C GLU A 18 8.16 -17.72 9.28
N MET A 19 8.60 -18.80 8.66
CA MET A 19 9.01 -18.84 7.25
C MET A 19 7.78 -18.55 6.38
N LEU A 20 6.66 -19.19 6.68
CA LEU A 20 5.41 -19.02 5.89
C LEU A 20 4.90 -17.61 6.10
N LEU A 21 5.10 -17.03 7.29
CA LEU A 21 4.70 -15.64 7.63
C LEU A 21 5.50 -14.63 6.78
N LYS A 22 6.82 -14.78 6.66
CA LYS A 22 7.68 -13.89 5.82
C LYS A 22 7.15 -13.96 4.41
N ILE A 23 6.87 -15.15 3.94
CA ILE A 23 6.34 -15.38 2.58
C ILE A 23 5.00 -14.66 2.41
N LYS A 24 3.99 -14.98 3.22
CA LYS A 24 2.63 -14.42 3.10
C LYS A 24 2.71 -12.90 3.12
N GLU A 25 3.43 -12.36 4.09
CA GLU A 25 3.64 -10.92 4.28
C GLU A 25 4.09 -10.32 2.94
N SER A 26 5.11 -10.89 2.30
CA SER A 26 5.72 -10.33 1.08
C SER A 26 4.68 -10.35 -0.04
N LEU A 27 3.89 -11.41 -0.13
CA LEU A 27 2.85 -11.57 -1.18
C LEU A 27 1.69 -10.57 -1.00
N GLU A 28 1.29 -10.31 0.23
CA GLU A 28 0.14 -9.46 0.57
C GLU A 28 0.54 -7.98 0.42
N LEU A 29 1.65 -7.57 1.01
CA LEU A 29 2.03 -6.13 1.11
C LEU A 29 2.40 -5.56 -0.26
N MET A 30 2.68 -6.39 -1.24
CA MET A 30 2.79 -5.93 -2.66
C MET A 30 1.57 -5.05 -3.03
N GLN A 31 0.38 -5.34 -2.48
CA GLN A 31 -0.89 -4.64 -2.83
C GLN A 31 -0.74 -3.12 -2.64
N TYR A 32 0.10 -2.70 -1.70
CA TYR A 32 0.29 -1.29 -1.32
C TYR A 32 1.24 -0.58 -2.29
N LEU A 33 1.79 -1.27 -3.27
CA LEU A 33 2.76 -0.61 -4.18
C LEU A 33 2.03 0.03 -5.36
N PRO A 34 2.29 1.30 -5.69
CA PRO A 34 1.85 1.85 -6.96
C PRO A 34 2.50 1.16 -8.17
N GLN A 35 1.77 1.18 -9.29
CA GLN A 35 2.18 0.56 -10.57
C GLN A 35 3.46 1.23 -11.08
N HIS A 36 3.65 2.52 -10.84
CA HIS A 36 4.89 3.26 -11.21
C HIS A 36 6.09 2.52 -10.60
N THR A 37 5.95 2.04 -9.35
CA THR A 37 6.98 1.31 -8.56
C THR A 37 7.18 -0.08 -9.15
N ILE A 38 6.10 -0.83 -9.33
CA ILE A 38 6.08 -2.15 -10.03
C ILE A 38 6.78 -2.01 -11.37
N GLU A 39 6.33 -1.06 -12.20
CA GLU A 39 6.84 -0.90 -13.59
C GLU A 39 8.33 -0.56 -13.54
N THR A 40 8.77 0.24 -12.58
CA THR A 40 10.20 0.55 -12.35
C THR A 40 10.93 -0.76 -12.06
N TYR A 41 10.42 -1.53 -11.10
CA TYR A 41 10.96 -2.86 -10.74
C TYR A 41 11.07 -3.70 -12.00
N ARG A 42 9.99 -3.77 -12.77
CA ARG A 42 9.89 -4.75 -13.87
C ARG A 42 10.84 -4.34 -15.01
N GLN A 43 11.05 -3.05 -15.23
CA GLN A 43 12.02 -2.56 -16.21
C GLN A 43 13.42 -2.88 -15.69
N GLN A 44 13.66 -2.73 -14.40
CA GLN A 44 14.96 -3.11 -13.79
C GLN A 44 15.24 -4.58 -14.12
N GLN A 45 14.20 -5.41 -14.01
CA GLN A 45 14.28 -6.89 -14.18
C GLN A 45 14.45 -7.20 -15.67
N GLN A 46 13.67 -6.59 -16.54
CA GLN A 46 13.82 -6.78 -17.99
C GLN A 46 15.29 -6.48 -18.35
N GLN A 47 15.89 -5.45 -17.76
CA GLN A 47 17.27 -5.02 -18.11
C GLN A 47 18.31 -6.02 -17.59
N GLN A 48 18.02 -6.77 -16.55
CA GLN A 48 18.92 -7.86 -16.04
C GLN A 48 19.06 -8.94 -17.12
N HIS A 49 18.00 -9.20 -17.87
CA HIS A 49 17.96 -10.15 -19.01
C HIS A 49 18.96 -9.77 -20.10
N GLN A 50 19.25 -8.47 -20.29
CA GLN A 50 20.25 -8.05 -21.32
C GLN A 50 21.50 -8.91 -21.15
N HIS A 51 21.96 -9.07 -19.91
CA HIS A 51 23.07 -9.97 -19.50
C HIS A 51 22.50 -11.23 -18.84
N LEU A 52 22.41 -12.33 -19.58
CA LEU A 52 21.73 -13.58 -19.16
C LEU A 52 22.71 -14.37 -18.29
N LEU A 53 22.15 -15.20 -17.41
CA LEU A 53 22.92 -16.16 -16.57
C LEU A 53 23.29 -17.37 -17.42
N GLN A 54 24.51 -17.86 -17.26
CA GLN A 54 25.00 -19.12 -17.86
C GLN A 54 25.98 -19.76 -16.87
N LYS A 55 26.05 -21.09 -16.87
CA LYS A 55 27.11 -21.84 -16.17
C LYS A 55 28.40 -21.72 -17.00
N GLN A 56 29.48 -21.19 -16.40
CA GLN A 56 30.80 -20.98 -17.07
C GLN A 56 31.56 -22.32 -17.09
N THR A 57 32.55 -22.43 -17.99
CA THR A 57 33.37 -23.66 -18.24
C THR A 57 34.79 -23.25 -18.65
N SER A 58 35.82 -23.87 -18.05
CA SER A 58 37.27 -23.73 -18.39
C SER A 58 37.75 -22.31 -18.13
N GLU B 4 26.20 -6.09 -6.54
CA GLU B 4 26.53 -5.71 -5.13
C GLU B 4 26.15 -6.84 -4.16
N ASP B 5 24.87 -6.93 -3.75
CA ASP B 5 24.31 -8.11 -3.03
C ASP B 5 23.21 -8.75 -3.90
N THR B 6 23.59 -9.13 -5.11
CA THR B 6 22.80 -10.01 -5.99
C THR B 6 23.34 -11.43 -5.87
N TYR B 7 22.45 -12.39 -5.88
CA TYR B 7 22.76 -13.80 -5.67
C TYR B 7 22.11 -14.59 -6.79
N TYR B 8 22.84 -15.56 -7.35
CA TYR B 8 22.37 -16.46 -8.43
C TYR B 8 22.03 -17.81 -7.81
N LEU B 9 20.97 -18.45 -8.29
CA LEU B 9 20.71 -19.88 -8.03
C LEU B 9 20.09 -20.55 -9.22
N GLN B 10 19.96 -21.85 -9.06
CA GLN B 10 19.72 -22.87 -10.09
C GLN B 10 18.62 -23.74 -9.52
N VAL B 11 17.56 -24.00 -10.27
CA VAL B 11 16.47 -24.88 -9.79
C VAL B 11 16.03 -25.80 -10.91
N ARG B 12 15.75 -27.05 -10.53
CA ARG B 12 15.23 -28.07 -11.41
C ARG B 12 13.70 -28.04 -11.33
N GLY B 13 13.04 -27.99 -12.48
CA GLY B 13 11.58 -28.12 -12.58
C GLY B 13 10.93 -26.79 -12.83
N ARG B 14 10.13 -26.71 -13.89
CA ARG B 14 9.47 -25.46 -14.34
C ARG B 14 8.53 -24.97 -13.24
N GLU B 15 7.74 -25.86 -12.64
CA GLU B 15 6.79 -25.49 -11.54
C GLU B 15 7.60 -24.88 -10.37
N ASN B 16 8.76 -25.46 -10.08
CA ASN B 16 9.63 -25.00 -8.98
C ASN B 16 10.15 -23.59 -9.31
N PHE B 17 10.61 -23.38 -10.51
CA PHE B 17 11.11 -22.07 -10.96
C PHE B 17 10.00 -21.01 -10.83
N GLU B 18 8.80 -21.34 -11.26
CA GLU B 18 7.65 -20.39 -11.22
C GLU B 18 7.34 -19.94 -9.80
N ILE B 19 7.19 -20.86 -8.85
CA ILE B 19 7.00 -20.52 -7.41
C ILE B 19 8.12 -19.59 -6.96
N LEU B 20 9.37 -19.92 -7.29
CA LEU B 20 10.55 -19.15 -6.79
C LEU B 20 10.57 -17.77 -7.43
N MET B 21 10.19 -17.64 -8.71
CA MET B 21 10.08 -16.33 -9.36
C MET B 21 8.94 -15.54 -8.69
N LYS B 22 7.83 -16.17 -8.34
CA LYS B 22 6.71 -15.45 -7.67
C LYS B 22 7.26 -14.86 -6.37
N LEU B 23 8.03 -15.62 -5.61
CA LEU B 23 8.48 -15.20 -4.25
C LEU B 23 9.65 -14.25 -4.39
N LYS B 24 10.52 -14.46 -5.36
CA LYS B 24 11.62 -13.52 -5.66
C LYS B 24 11.00 -12.13 -5.86
N GLU B 25 10.04 -12.05 -6.74
CA GLU B 25 9.26 -10.81 -6.97
C GLU B 25 8.82 -10.29 -5.60
N SER B 26 8.01 -11.02 -4.87
CA SER B 26 7.31 -10.43 -3.70
C SER B 26 8.35 -10.05 -2.63
N LEU B 27 9.44 -10.78 -2.54
CA LEU B 27 10.49 -10.52 -1.51
C LEU B 27 11.35 -9.33 -1.95
N GLU B 28 11.64 -9.19 -3.23
CA GLU B 28 12.45 -8.05 -3.71
C GLU B 28 11.62 -6.76 -3.55
N LEU B 29 10.30 -6.82 -3.76
CA LEU B 29 9.42 -5.62 -3.75
C LEU B 29 9.20 -5.17 -2.32
N MET B 30 9.34 -6.05 -1.35
CA MET B 30 9.11 -5.77 0.10
C MET B 30 9.93 -4.55 0.53
N GLU B 31 11.15 -4.38 0.01
CA GLU B 31 12.04 -3.25 0.38
C GLU B 31 11.37 -1.92 0.02
N LEU B 32 10.44 -1.91 -0.96
CA LEU B 32 9.81 -0.68 -1.51
C LEU B 32 8.53 -0.35 -0.71
N VAL B 33 8.10 -1.23 0.20
CA VAL B 33 6.89 -1.01 1.03
C VAL B 33 7.24 -0.07 2.18
N PRO B 34 6.64 1.14 2.25
CA PRO B 34 6.93 2.05 3.35
C PRO B 34 6.79 1.30 4.69
N GLN B 35 7.71 1.57 5.63
CA GLN B 35 7.84 0.84 6.92
C GLN B 35 6.55 1.01 7.74
N PRO B 36 5.93 2.19 7.75
CA PRO B 36 4.70 2.37 8.53
C PRO B 36 3.60 1.36 8.15
N LEU B 37 3.45 1.06 6.86
CA LEU B 37 2.40 0.11 6.37
C LEU B 37 2.80 -1.31 6.74
N VAL B 38 4.09 -1.62 6.68
CA VAL B 38 4.61 -2.91 7.21
C VAL B 38 4.23 -3.02 8.69
N ASP B 39 4.38 -1.93 9.43
CA ASP B 39 4.15 -1.95 10.91
C ASP B 39 2.65 -2.13 11.15
N SER B 40 1.81 -1.45 10.38
CA SER B 40 0.35 -1.64 10.46
C SER B 40 0.06 -3.12 10.24
N TYR B 41 0.64 -3.69 9.18
CA TYR B 41 0.40 -5.09 8.76
C TYR B 41 0.75 -6.05 9.90
N ARG B 42 1.91 -5.86 10.53
CA ARG B 42 2.42 -6.82 11.54
C ARG B 42 1.57 -6.65 12.78
N GLN B 43 1.12 -5.42 13.04
CA GLN B 43 0.11 -5.15 14.08
C GLN B 43 -1.12 -5.99 13.79
N GLN B 44 -1.62 -5.93 12.56
CA GLN B 44 -2.82 -6.69 12.15
C GLN B 44 -2.64 -8.19 12.47
N GLN B 45 -1.48 -8.77 12.15
CA GLN B 45 -1.25 -10.23 12.30
C GLN B 45 -1.30 -10.57 13.80
N GLN B 46 -0.64 -9.78 14.65
CA GLN B 46 -0.58 -9.95 16.13
C GLN B 46 -2.00 -9.89 16.73
N LEU B 47 -2.86 -8.99 16.22
CA LEU B 47 -4.27 -8.84 16.69
C LEU B 47 -5.06 -10.13 16.41
N LEU B 48 -4.75 -10.81 15.29
CA LEU B 48 -5.49 -12.02 14.83
C LEU B 48 -5.03 -13.24 15.66
N GLN B 49 -4.02 -13.09 16.53
CA GLN B 49 -3.53 -14.16 17.46
C GLN B 49 -4.48 -14.22 18.66
N GLY C 1 -14.30 -12.11 -3.33
CA GLY C 1 -15.71 -12.09 -2.84
C GLY C 1 -16.69 -12.22 -3.98
N SER C 2 -16.42 -11.54 -5.11
CA SER C 2 -17.16 -11.63 -6.40
C SER C 2 -16.19 -11.45 -7.58
N ASP C 3 -16.59 -11.89 -8.79
CA ASP C 3 -15.76 -11.84 -10.04
C ASP C 3 -15.60 -10.38 -10.49
N LEU C 4 -16.71 -9.62 -10.55
CA LEU C 4 -16.71 -8.21 -10.99
C LEU C 4 -15.95 -7.38 -9.97
N GLY C 5 -16.14 -7.71 -8.68
CA GLY C 5 -15.41 -7.12 -7.55
C GLY C 5 -13.91 -7.17 -7.76
N LYS C 6 -13.34 -8.35 -8.06
CA LYS C 6 -11.89 -8.50 -8.32
C LYS C 6 -11.50 -7.71 -9.56
N LYS C 7 -12.31 -7.77 -10.63
CA LYS C 7 -11.99 -7.04 -11.89
C LYS C 7 -11.96 -5.53 -11.62
N LEU C 8 -12.83 -5.06 -10.74
CA LEU C 8 -12.95 -3.61 -10.46
C LEU C 8 -11.74 -3.19 -9.61
N LEU C 9 -11.35 -3.98 -8.61
CA LEU C 9 -10.10 -3.77 -7.83
C LEU C 9 -8.92 -3.64 -8.79
N GLU C 10 -8.87 -4.50 -9.82
CA GLU C 10 -7.69 -4.59 -10.72
C GLU C 10 -7.72 -3.43 -11.73
N ALA C 11 -8.90 -3.07 -12.21
CA ALA C 11 -9.12 -1.95 -13.16
C ALA C 11 -8.78 -0.64 -12.46
N ALA C 12 -9.17 -0.50 -11.19
CA ALA C 12 -8.87 0.70 -10.35
C ALA C 12 -7.36 0.77 -10.11
N GLN C 13 -6.74 -0.37 -9.78
CA GLN C 13 -5.28 -0.45 -9.51
C GLN C 13 -4.52 -0.02 -10.78
N THR C 14 -4.96 -0.47 -11.95
CA THR C 14 -4.17 -0.41 -13.21
C THR C 14 -4.55 0.82 -14.05
N GLY C 15 -5.55 1.60 -13.62
CA GLY C 15 -5.90 2.91 -14.20
C GLY C 15 -6.73 2.76 -15.46
N GLN C 16 -7.53 1.71 -15.52
CA GLN C 16 -8.43 1.36 -16.67
C GLN C 16 -9.82 2.05 -16.48
N ASP C 17 -9.89 3.33 -16.83
CA ASP C 17 -11.01 4.24 -16.50
C ASP C 17 -12.28 3.70 -17.12
N ASP C 18 -12.21 3.34 -18.39
CA ASP C 18 -13.37 2.87 -19.16
C ASP C 18 -13.83 1.53 -18.57
N GLU C 19 -12.87 0.65 -18.25
CA GLU C 19 -13.15 -0.67 -17.62
C GLU C 19 -13.88 -0.44 -16.30
N VAL C 20 -13.41 0.51 -15.49
CA VAL C 20 -13.99 0.84 -14.16
C VAL C 20 -15.45 1.22 -14.38
N ARG C 21 -15.70 2.21 -15.22
CA ARG C 21 -17.06 2.72 -15.57
C ARG C 21 -17.95 1.55 -16.03
N ILE C 22 -17.40 0.66 -16.84
CA ILE C 22 -18.18 -0.45 -17.45
C ILE C 22 -18.47 -1.53 -16.39
N LEU C 23 -17.51 -1.84 -15.53
CA LEU C 23 -17.68 -2.83 -14.44
C LEU C 23 -18.76 -2.33 -13.47
N MET C 24 -18.69 -1.05 -13.15
CA MET C 24 -19.63 -0.37 -12.24
C MET C 24 -21.04 -0.36 -12.86
N ALA C 25 -21.13 -0.04 -14.14
CA ALA C 25 -22.41 -0.05 -14.91
C ALA C 25 -23.02 -1.45 -14.83
N ASN C 26 -22.19 -2.48 -14.86
CA ASN C 26 -22.61 -3.90 -14.84
C ASN C 26 -22.78 -4.40 -13.38
N GLY C 27 -22.59 -3.53 -12.39
CA GLY C 27 -22.98 -3.81 -11.00
C GLY C 27 -21.82 -4.30 -10.12
N ALA C 28 -20.57 -4.07 -10.52
CA ALA C 28 -19.39 -4.44 -9.71
C ALA C 28 -19.49 -3.78 -8.33
N ASP C 29 -19.23 -4.54 -7.27
CA ASP C 29 -19.20 -4.10 -5.85
C ASP C 29 -18.10 -3.03 -5.65
N VAL C 30 -18.48 -1.81 -5.24
CA VAL C 30 -17.56 -0.65 -5.04
C VAL C 30 -16.87 -0.79 -3.66
N ASN C 31 -17.35 -1.71 -2.85
CA ASN C 31 -16.81 -2.06 -1.52
C ASN C 31 -16.04 -3.41 -1.60
N ALA C 32 -15.80 -3.95 -2.80
CA ALA C 32 -14.92 -5.14 -3.01
C ALA C 32 -13.64 -4.90 -2.23
N MET C 33 -13.14 -5.92 -1.53
CA MET C 33 -11.89 -5.81 -0.77
C MET C 33 -10.86 -6.77 -1.37
N ASP C 34 -9.64 -6.29 -1.56
CA ASP C 34 -8.50 -7.15 -1.93
C ASP C 34 -8.04 -7.91 -0.66
N MET C 35 -6.88 -8.57 -0.72
CA MET C 35 -6.39 -9.51 0.33
C MET C 35 -5.89 -8.73 1.56
N VAL C 36 -5.57 -7.44 1.42
CA VAL C 36 -5.20 -6.57 2.58
C VAL C 36 -6.40 -5.68 3.00
N GLY C 37 -7.58 -5.88 2.40
CA GLY C 37 -8.82 -5.19 2.83
C GLY C 37 -9.04 -3.87 2.12
N MET C 38 -8.24 -3.57 1.08
CA MET C 38 -8.37 -2.33 0.27
C MET C 38 -9.54 -2.43 -0.68
N THR C 39 -10.24 -1.32 -0.83
CA THR C 39 -11.35 -1.10 -1.77
C THR C 39 -10.79 -0.45 -3.03
N PRO C 40 -11.58 -0.46 -4.13
CA PRO C 40 -11.13 0.12 -5.40
C PRO C 40 -10.66 1.55 -5.15
N LEU C 41 -11.30 2.21 -4.21
CA LEU C 41 -10.99 3.62 -3.87
C LEU C 41 -9.59 3.69 -3.25
N HIS C 42 -9.27 2.77 -2.34
CA HIS C 42 -7.91 2.63 -1.76
C HIS C 42 -6.90 2.48 -2.92
N LEU C 43 -7.22 1.61 -3.88
CA LEU C 43 -6.24 1.16 -4.89
C LEU C 43 -6.04 2.27 -5.90
N ALA C 44 -7.09 3.06 -6.12
CA ALA C 44 -7.09 4.23 -7.03
C ALA C 44 -6.25 5.33 -6.40
N ALA C 45 -6.34 5.46 -5.08
CA ALA C 45 -5.54 6.41 -4.29
C ALA C 45 -4.05 5.99 -4.30
N VAL C 46 -3.74 4.72 -4.03
CA VAL C 46 -2.34 4.20 -4.05
C VAL C 46 -1.71 4.51 -5.41
N ASN C 47 -2.40 4.22 -6.48
CA ASN C 47 -1.84 4.14 -7.85
C ASN C 47 -1.94 5.50 -8.55
N GLY C 48 -2.57 6.48 -7.92
CA GLY C 48 -2.58 7.89 -8.36
C GLY C 48 -3.63 8.15 -9.43
N HIS C 49 -4.72 7.37 -9.46
CA HIS C 49 -5.71 7.43 -10.59
C HIS C 49 -6.85 8.38 -10.21
N LEU C 50 -6.60 9.67 -10.40
CA LEU C 50 -7.43 10.81 -9.93
C LEU C 50 -8.84 10.67 -10.51
N GLU C 51 -8.94 10.41 -11.79
CA GLU C 51 -10.23 10.31 -12.50
C GLU C 51 -11.02 9.18 -11.87
N ILE C 52 -10.36 8.06 -11.58
CA ILE C 52 -11.01 6.85 -11.04
C ILE C 52 -11.48 7.14 -9.60
N VAL C 53 -10.67 7.90 -8.87
CA VAL C 53 -10.99 8.33 -7.48
C VAL C 53 -12.26 9.17 -7.55
N GLU C 54 -12.30 10.16 -8.44
CA GLU C 54 -13.45 11.10 -8.61
C GLU C 54 -14.71 10.30 -8.97
N VAL C 55 -14.59 9.41 -9.94
CA VAL C 55 -15.69 8.46 -10.32
C VAL C 55 -16.17 7.70 -9.08
N LEU C 56 -15.30 7.06 -8.34
CA LEU C 56 -15.71 6.18 -7.22
C LEU C 56 -16.37 7.01 -6.12
N LEU C 57 -16.00 8.27 -6.01
CA LEU C 57 -16.51 9.17 -4.96
C LEU C 57 -17.91 9.67 -5.33
N LYS C 58 -18.42 9.34 -6.53
CA LYS C 58 -19.83 9.64 -6.96
C LYS C 58 -20.73 8.43 -6.65
N THR C 59 -20.20 7.40 -5.99
CA THR C 59 -20.94 6.16 -5.61
C THR C 59 -21.11 6.13 -4.08
N SER C 60 -21.74 5.08 -3.56
CA SER C 60 -21.88 4.84 -2.09
C SER C 60 -20.53 4.45 -1.45
N ALA C 61 -19.45 4.29 -2.22
CA ALA C 61 -18.13 3.84 -1.71
C ALA C 61 -17.76 4.74 -0.55
N ASP C 62 -17.34 4.17 0.57
CA ASP C 62 -17.00 4.90 1.80
C ASP C 62 -15.63 5.54 1.61
N VAL C 63 -15.56 6.84 1.69
CA VAL C 63 -14.29 7.60 1.51
C VAL C 63 -13.38 7.29 2.70
N ASN C 64 -13.96 6.77 3.79
CA ASN C 64 -13.28 6.49 5.09
C ASN C 64 -13.22 4.98 5.34
N ALA C 65 -13.47 4.17 4.30
CA ALA C 65 -13.26 2.71 4.31
C ALA C 65 -11.87 2.42 4.87
N GLN C 66 -11.80 1.49 5.81
CA GLN C 66 -10.52 1.03 6.41
C GLN C 66 -10.18 -0.34 5.86
N ASP C 67 -8.93 -0.52 5.44
CA ASP C 67 -8.40 -1.84 5.05
C ASP C 67 -8.10 -2.60 6.36
N TYR C 68 -7.58 -3.82 6.28
CA TYR C 68 -7.34 -4.66 7.49
C TYR C 68 -6.28 -4.02 8.39
N GLN C 69 -5.53 -3.02 7.89
CA GLN C 69 -4.46 -2.35 8.66
C GLN C 69 -4.95 -1.01 9.21
N GLY C 70 -6.23 -0.68 8.97
CA GLY C 70 -6.85 0.58 9.38
C GLY C 70 -6.51 1.75 8.46
N GLU C 71 -5.79 1.52 7.36
CA GLU C 71 -5.47 2.58 6.35
C GLU C 71 -6.77 2.99 5.61
N THR C 72 -7.01 4.30 5.52
CA THR C 72 -8.04 4.91 4.66
C THR C 72 -7.41 5.37 3.35
N PRO C 73 -8.22 5.59 2.30
CA PRO C 73 -7.65 6.06 1.04
C PRO C 73 -6.80 7.30 1.28
N LEU C 74 -7.14 8.09 2.29
CA LEU C 74 -6.39 9.34 2.54
C LEU C 74 -5.03 9.00 3.10
N HIS C 75 -4.90 7.96 3.92
CA HIS C 75 -3.56 7.51 4.41
C HIS C 75 -2.66 7.25 3.19
N LEU C 76 -3.18 6.60 2.17
CA LEU C 76 -2.37 5.98 1.10
C LEU C 76 -2.06 6.99 -0.01
N ALA C 77 -3.00 7.87 -0.31
CA ALA C 77 -2.78 9.06 -1.17
C ALA C 77 -1.68 9.92 -0.52
N ALA C 78 -1.75 10.08 0.80
CA ALA C 78 -0.77 10.85 1.59
C ALA C 78 0.62 10.24 1.46
N ILE C 79 0.77 8.93 1.67
CA ILE C 79 2.11 8.30 1.80
C ILE C 79 2.76 8.24 0.42
N TRP C 80 1.97 8.09 -0.63
CA TRP C 80 2.45 7.95 -2.02
C TRP C 80 2.53 9.31 -2.75
N GLY C 81 2.03 10.39 -2.13
CA GLY C 81 2.32 11.77 -2.53
C GLY C 81 1.38 12.26 -3.61
N HIS C 82 0.14 11.76 -3.62
CA HIS C 82 -0.87 12.08 -4.65
C HIS C 82 -1.70 13.26 -4.14
N LEU C 83 -1.21 14.45 -4.41
CA LEU C 83 -1.69 15.72 -3.83
C LEU C 83 -3.13 15.94 -4.27
N GLU C 84 -3.38 15.86 -5.58
CA GLU C 84 -4.73 16.08 -6.14
C GLU C 84 -5.70 15.09 -5.47
N ILE C 85 -5.29 13.84 -5.32
CA ILE C 85 -6.19 12.80 -4.76
C ILE C 85 -6.49 13.13 -3.29
N VAL C 86 -5.45 13.54 -2.54
CA VAL C 86 -5.58 13.99 -1.12
C VAL C 86 -6.65 15.07 -1.07
N GLU C 87 -6.52 16.07 -1.95
CA GLU C 87 -7.43 17.24 -2.02
C GLU C 87 -8.87 16.76 -2.22
N VAL C 88 -9.15 15.90 -3.20
CA VAL C 88 -10.55 15.50 -3.52
C VAL C 88 -11.08 14.57 -2.43
N LEU C 89 -10.23 13.76 -1.81
CA LEU C 89 -10.69 12.88 -0.70
C LEU C 89 -11.16 13.77 0.43
N LEU C 90 -10.42 14.83 0.71
CA LEU C 90 -10.73 15.77 1.78
C LEU C 90 -12.04 16.51 1.47
N LYS C 91 -12.23 16.90 0.21
CA LYS C 91 -13.47 17.54 -0.28
C LYS C 91 -14.64 16.57 -0.15
N ALA C 92 -14.41 15.27 -0.41
CA ALA C 92 -15.47 14.24 -0.41
C ALA C 92 -15.78 13.79 1.03
N GLY C 93 -15.11 14.35 2.05
CA GLY C 93 -15.40 14.07 3.48
C GLY C 93 -14.41 13.09 4.14
N ALA C 94 -13.23 12.86 3.56
CA ALA C 94 -12.14 12.08 4.21
C ALA C 94 -11.86 12.62 5.60
N ASP C 95 -11.87 11.75 6.61
CA ASP C 95 -11.47 12.08 8.00
C ASP C 95 -9.97 12.37 8.00
N VAL C 96 -9.60 13.62 8.27
CA VAL C 96 -8.19 14.08 8.19
C VAL C 96 -7.36 13.42 9.30
N ASN C 97 -8.02 12.95 10.36
CA ASN C 97 -7.38 12.46 11.61
C ASN C 97 -7.63 10.95 11.80
N ALA C 98 -7.98 10.20 10.76
CA ALA C 98 -8.17 8.74 10.83
C ALA C 98 -6.87 8.07 11.34
N ASN C 99 -7.03 7.10 12.24
CA ASN C 99 -5.95 6.30 12.85
C ASN C 99 -5.92 4.94 12.18
N ASP C 100 -4.74 4.49 11.72
CA ASP C 100 -4.47 3.05 11.41
C ASP C 100 -4.08 2.32 12.71
N LEU C 101 -3.76 1.04 12.60
CA LEU C 101 -3.62 0.08 13.74
C LEU C 101 -2.44 0.48 14.66
N VAL C 102 -1.45 1.19 14.13
CA VAL C 102 -0.26 1.59 14.92
C VAL C 102 -0.34 3.10 15.18
N GLY C 103 -1.53 3.69 14.98
CA GLY C 103 -1.87 5.06 15.40
C GLY C 103 -1.28 6.12 14.48
N HIS C 104 -1.01 5.77 13.22
CA HIS C 104 -0.62 6.74 12.16
C HIS C 104 -1.87 7.45 11.63
N THR C 105 -1.76 8.77 11.57
CA THR C 105 -2.68 9.65 10.85
C THR C 105 -2.08 9.92 9.49
N PRO C 106 -2.89 10.41 8.54
CA PRO C 106 -2.37 10.75 7.22
C PRO C 106 -1.18 11.71 7.36
N LEU C 107 -1.18 12.51 8.42
CA LEU C 107 -0.10 13.50 8.70
C LEU C 107 1.24 12.77 9.01
N HIS C 108 1.21 11.76 9.88
CA HIS C 108 2.37 10.86 10.16
C HIS C 108 2.96 10.39 8.83
N LEU C 109 2.11 9.91 7.91
CA LEU C 109 2.54 9.21 6.68
C LEU C 109 3.03 10.21 5.61
N ALA C 110 2.42 11.38 5.49
CA ALA C 110 2.97 12.50 4.68
C ALA C 110 4.33 12.96 5.27
N ALA C 111 4.45 13.03 6.60
CA ALA C 111 5.70 13.37 7.31
C ALA C 111 6.77 12.33 6.95
N TRP C 112 6.43 11.05 7.11
CA TRP C 112 7.32 9.90 6.84
C TRP C 112 7.90 10.03 5.42
N SER C 113 7.05 10.28 4.43
CA SER C 113 7.42 10.27 2.99
C SER C 113 8.09 11.58 2.53
N GLY C 114 8.05 12.64 3.34
CA GLY C 114 8.61 13.96 3.00
C GLY C 114 7.78 14.68 1.92
N HIS C 115 6.46 14.49 1.91
CA HIS C 115 5.54 15.16 0.96
C HIS C 115 5.05 16.49 1.59
N LEU C 116 5.74 17.59 1.29
CA LEU C 116 5.57 18.91 1.96
C LEU C 116 4.18 19.46 1.65
N GLU C 117 3.81 19.57 0.37
CA GLU C 117 2.53 20.18 -0.08
C GLU C 117 1.36 19.47 0.61
N ILE C 118 1.48 18.15 0.78
CA ILE C 118 0.43 17.28 1.37
C ILE C 118 0.36 17.52 2.88
N VAL C 119 1.50 17.68 3.55
CA VAL C 119 1.49 18.08 4.99
C VAL C 119 0.70 19.40 5.12
N GLU C 120 1.01 20.38 4.26
CA GLU C 120 0.36 21.71 4.23
C GLU C 120 -1.16 21.51 4.09
N VAL C 121 -1.59 20.69 3.15
CA VAL C 121 -3.04 20.49 2.89
C VAL C 121 -3.66 19.84 4.12
N LEU C 122 -2.99 18.91 4.74
CA LEU C 122 -3.55 18.17 5.90
C LEU C 122 -3.70 19.13 7.07
N LEU C 123 -2.74 20.02 7.27
CA LEU C 123 -2.83 21.04 8.35
C LEU C 123 -4.02 21.94 8.05
N LYS C 124 -4.16 22.32 6.78
CA LYS C 124 -5.19 23.28 6.31
C LYS C 124 -6.59 22.71 6.63
N HIS C 125 -6.74 21.39 6.68
CA HIS C 125 -8.04 20.70 6.88
C HIS C 125 -8.18 20.26 8.34
N GLY C 126 -7.20 20.62 9.16
CA GLY C 126 -7.23 20.51 10.63
C GLY C 126 -6.52 19.25 11.13
N ALA C 127 -5.51 18.75 10.40
CA ALA C 127 -4.65 17.64 10.87
C ALA C 127 -4.20 17.97 12.31
N ASP C 128 -4.22 16.98 13.20
CA ASP C 128 -3.82 17.11 14.61
C ASP C 128 -2.33 16.78 14.72
N VAL C 129 -1.51 17.80 14.93
CA VAL C 129 -0.01 17.72 14.94
C VAL C 129 0.49 17.02 16.22
N ASN C 130 -0.40 16.91 17.24
CA ASN C 130 -0.07 16.41 18.61
C ASN C 130 -0.51 14.94 18.77
N ALA C 131 -0.84 14.26 17.68
CA ALA C 131 -1.26 12.85 17.69
C ALA C 131 -0.01 11.94 17.73
N GLN C 132 -0.06 10.92 18.59
CA GLN C 132 1.07 10.01 18.88
C GLN C 132 0.71 8.63 18.35
N ASP C 133 1.63 7.99 17.64
CA ASP C 133 1.47 6.59 17.19
C ASP C 133 1.71 5.65 18.39
N LYS C 134 1.47 4.34 18.18
CA LYS C 134 1.79 3.22 19.09
C LYS C 134 3.08 3.52 19.84
N PHE C 135 4.11 4.02 19.14
CA PHE C 135 5.52 4.14 19.61
C PHE C 135 5.76 5.53 20.24
N GLY C 136 4.71 6.33 20.40
CA GLY C 136 4.71 7.63 21.11
C GLY C 136 5.27 8.75 20.26
N LYS C 137 5.10 8.70 18.94
CA LYS C 137 5.74 9.66 17.99
C LYS C 137 4.71 10.52 17.26
N THR C 138 4.94 11.83 17.23
CA THR C 138 4.14 12.82 16.47
C THR C 138 4.56 12.78 15.00
N ALA C 139 3.80 13.45 14.15
CA ALA C 139 4.23 13.78 12.77
C ALA C 139 5.62 14.40 12.87
N PHE C 140 5.77 15.37 13.77
CA PHE C 140 7.04 16.09 14.03
C PHE C 140 8.17 15.08 14.28
N ASP C 141 7.99 14.22 15.28
CA ASP C 141 9.01 13.23 15.74
C ASP C 141 9.50 12.42 14.53
N ILE C 142 8.61 12.15 13.56
CA ILE C 142 8.87 11.28 12.37
C ILE C 142 9.58 12.08 11.27
N SER C 143 9.18 13.33 11.04
CA SER C 143 9.88 14.27 10.13
C SER C 143 11.35 14.36 10.56
N ILE C 144 11.58 14.46 11.88
CA ILE C 144 12.93 14.52 12.51
C ILE C 144 13.70 13.25 12.14
N ASP C 145 13.18 12.10 12.54
CA ASP C 145 13.79 10.78 12.28
C ASP C 145 14.22 10.72 10.81
N ASN C 146 13.33 11.07 9.88
CA ASN C 146 13.51 10.79 8.42
C ASN C 146 14.21 11.95 7.73
N GLY C 147 14.76 12.89 8.50
CA GLY C 147 15.54 14.03 7.97
C GLY C 147 14.72 14.86 6.99
N ASN C 148 13.54 15.29 7.42
CA ASN C 148 12.61 16.13 6.62
C ASN C 148 12.49 17.49 7.30
N GLU C 149 13.50 18.34 7.12
CA GLU C 149 13.72 19.56 7.93
C GLU C 149 12.64 20.58 7.57
N ASP C 150 12.35 20.74 6.28
CA ASP C 150 11.23 21.57 5.75
C ASP C 150 9.98 21.28 6.59
N ILE C 151 9.62 20.01 6.66
CA ILE C 151 8.34 19.53 7.24
C ILE C 151 8.41 19.62 8.77
N ALA C 152 9.58 19.34 9.35
CA ALA C 152 9.86 19.51 10.80
C ALA C 152 9.41 20.92 11.23
N GLU C 153 9.80 21.95 10.48
CA GLU C 153 9.64 23.35 10.89
C GLU C 153 8.20 23.79 10.63
N VAL C 154 7.59 23.34 9.53
CA VAL C 154 6.14 23.55 9.25
C VAL C 154 5.31 22.97 10.41
N LEU C 155 5.65 21.77 10.85
CA LEU C 155 4.92 21.05 11.95
C LEU C 155 5.11 21.77 13.29
N GLN C 156 6.32 22.20 13.62
CA GLN C 156 6.61 22.90 14.92
C GLN C 156 5.81 24.22 14.98
N LYS C 157 5.69 24.94 13.85
CA LYS C 157 5.00 26.25 13.72
C LYS C 157 3.50 26.12 14.01
N ALA C 158 2.95 24.90 13.99
CA ALA C 158 1.49 24.64 13.95
C ALA C 158 0.99 24.02 15.28
N ALA C 159 1.90 23.70 16.21
CA ALA C 159 1.65 22.82 17.38
C ALA C 159 1.37 23.65 18.64
C1 GOL D . -11.62 24.27 3.53
O1 GOL D . -10.67 24.53 2.50
C2 GOL D . -10.94 24.10 4.87
O2 GOL D . -9.53 24.10 4.67
C3 GOL D . -11.35 22.84 5.60
O3 GOL D . -12.73 22.87 5.95
#